data_4RI4
#
_entry.id   4RI4
#
_cell.length_a   94.878
_cell.length_b   99.406
_cell.length_c   134.267
_cell.angle_alpha   90.00
_cell.angle_beta   90.00
_cell.angle_gamma   90.00
#
_symmetry.space_group_name_H-M   'C 2 2 21'
#
loop_
_entity.id
_entity.type
_entity.pdbx_description
1 polymer 'Tyrosine-protein phosphatase non-receptor type 3'
2 non-polymer 'VANADATE ION'
3 water water
#
_entity_poly.entity_id   1
_entity_poly.type   'polypeptide(L)'
_entity_poly.pdbx_seq_one_letter_code
;MHHHHHHSSGVDLGTENLYFQSNADTLEGSMAQLKKGLESGTVLIQFEQLYRKKPGLAITFAKLPQNLDKNRIKDVLPYD
TTRVLLQGNEDYINASYVNMEIPAANLVNKYIATQGPLPHTCAQFWQVVWDQKLSLIVMLTTLTERGRTKCHQYWPDPPD
VMNHGGFHIQCQSEDCTIAYVSREMLVTNTQTGEEHTVTHLQYVAWPDHGVPDDSSDFLEFVNYVRSLRVDSEPVLVHCS
AGIGRTGVLVTMETAMCLTERNLPIYPLDIVRKMRDQRAMMVQTSSQYKFVCEAILRVYEEGLVQM
;
_entity_poly.pdbx_strand_id   A,B
#
# COMPACT_ATOMS: atom_id res chain seq x y z
N SER A 22 23.46 12.31 1.33
CA SER A 22 23.24 13.77 1.31
C SER A 22 24.56 14.45 1.18
N ASN A 23 25.57 13.64 0.85
CA ASN A 23 26.92 14.08 1.10
C ASN A 23 27.32 15.18 0.14
N ALA A 24 27.08 15.02 -1.17
CA ALA A 24 27.75 15.95 -2.08
C ALA A 24 27.06 17.30 -2.13
N ASP A 25 25.72 17.32 -2.05
CA ASP A 25 24.95 18.56 -2.06
C ASP A 25 23.69 18.30 -1.25
N THR A 26 22.91 19.34 -1.02
CA THR A 26 21.53 19.16 -0.57
C THR A 26 20.67 18.70 -1.74
N LEU A 27 19.45 18.24 -1.44
CA LEU A 27 18.48 18.02 -2.52
C LEU A 27 18.29 19.30 -3.35
N GLU A 28 18.07 20.44 -2.68
CA GLU A 28 17.86 21.70 -3.39
C GLU A 28 19.01 22.01 -4.33
N GLY A 29 20.25 21.79 -3.86
CA GLY A 29 21.40 22.04 -4.70
C GLY A 29 21.46 21.09 -5.88
N SER A 30 21.14 19.82 -5.65
CA SER A 30 21.21 18.86 -6.76
C SER A 30 20.15 19.19 -7.81
N MET A 31 19.01 19.74 -7.40
CA MET A 31 17.99 20.11 -8.37
C MET A 31 18.36 21.38 -9.12
N ALA A 32 19.00 22.35 -8.47
CA ALA A 32 19.50 23.50 -9.21
C ALA A 32 20.53 23.05 -10.25
N GLN A 33 21.39 22.10 -9.88
CA GLN A 33 22.40 21.62 -10.81
C GLN A 33 21.77 20.92 -12.00
N LEU A 34 20.77 20.08 -11.73
CA LEU A 34 20.09 19.36 -12.79
C LEU A 34 19.41 20.33 -13.76
N LYS A 35 18.70 21.32 -13.21
CA LYS A 35 18.00 22.29 -14.06
C LYS A 35 18.99 23.07 -14.92
N LYS A 36 20.06 23.56 -14.31
CA LYS A 36 21.07 24.32 -15.05
C LYS A 36 21.74 23.46 -16.12
N GLY A 37 22.00 22.19 -15.79
CA GLY A 37 22.66 21.29 -16.71
C GLY A 37 21.79 20.80 -17.85
N LEU A 38 20.48 20.71 -17.64
CA LEU A 38 19.57 20.44 -18.75
C LEU A 38 19.57 21.62 -19.73
N GLU A 39 19.61 22.83 -19.19
CA GLU A 39 19.60 24.00 -20.06
C GLU A 39 20.92 24.16 -20.80
N SER A 40 22.04 23.90 -20.13
CA SER A 40 23.35 24.16 -20.73
C SER A 40 23.77 23.04 -21.68
N GLY A 41 23.21 21.85 -21.53
CA GLY A 41 23.63 20.69 -22.27
C GLY A 41 24.56 19.74 -21.52
N THR A 42 25.11 20.14 -20.37
CA THR A 42 26.09 19.29 -19.70
C THR A 42 25.47 17.97 -19.22
N VAL A 43 24.19 17.97 -18.83
CA VAL A 43 23.59 16.75 -18.31
C VAL A 43 23.53 15.68 -19.40
N LEU A 44 23.15 16.06 -20.62
CA LEU A 44 23.13 15.04 -21.66
C LEU A 44 24.54 14.67 -22.13
N ILE A 45 25.49 15.62 -22.14
CA ILE A 45 26.86 15.27 -22.49
C ILE A 45 27.40 14.22 -21.53
N GLN A 46 27.14 14.37 -20.21
CA GLN A 46 27.62 13.35 -19.28
C GLN A 46 26.92 12.01 -19.48
N PHE A 47 25.63 12.03 -19.77
CA PHE A 47 24.93 10.78 -20.10
C PHE A 47 25.60 10.09 -21.29
N GLU A 48 25.94 10.85 -22.31
CA GLU A 48 26.49 10.26 -23.54
C GLU A 48 27.82 9.60 -23.29
N GLN A 49 28.55 10.02 -22.28
CA GLN A 49 29.85 9.48 -21.93
C GLN A 49 29.78 8.30 -20.95
N LEU A 50 28.62 8.03 -20.37
CA LEU A 50 28.51 6.91 -19.45
C LEU A 50 28.51 5.60 -20.22
N TYR A 51 29.28 4.63 -19.74
CA TYR A 51 29.24 3.31 -20.34
C TYR A 51 27.83 2.73 -20.33
N ARG A 52 27.52 1.98 -21.38
CA ARG A 52 26.23 1.32 -21.48
C ARG A 52 26.28 -0.09 -20.90
N LYS A 53 27.45 -0.72 -20.91
CA LYS A 53 27.69 -2.06 -20.40
C LYS A 53 28.92 -1.97 -19.53
N LYS A 54 28.87 -2.53 -18.32
CA LYS A 54 29.99 -2.40 -17.41
C LYS A 54 31.10 -3.30 -17.92
N PRO A 55 32.25 -2.75 -18.31
CA PRO A 55 33.38 -3.60 -18.63
C PRO A 55 33.79 -4.33 -17.38
N GLY A 56 34.12 -5.58 -17.54
CA GLY A 56 34.59 -6.37 -16.45
C GLY A 56 33.59 -7.31 -15.89
N LEU A 57 32.33 -7.26 -16.32
CA LEU A 57 31.35 -8.23 -15.89
C LEU A 57 31.14 -9.24 -17.02
N ALA A 58 31.36 -10.51 -16.70
CA ALA A 58 31.27 -11.57 -17.68
C ALA A 58 29.82 -11.78 -18.12
N ILE A 59 29.65 -12.12 -19.39
CA ILE A 59 28.37 -12.53 -19.97
C ILE A 59 28.69 -13.81 -20.73
N THR A 60 28.41 -14.96 -20.13
CA THR A 60 28.73 -16.24 -20.74
C THR A 60 27.53 -17.17 -20.87
N PHE A 61 26.76 -17.34 -19.79
CA PHE A 61 25.62 -18.25 -19.83
C PHE A 61 24.60 -17.81 -20.87
N ALA A 62 24.39 -16.51 -21.02
CA ALA A 62 23.39 -16.03 -21.96
C ALA A 62 23.73 -16.37 -23.41
N LYS A 63 24.99 -16.69 -23.70
CA LYS A 63 25.48 -16.93 -25.05
C LYS A 63 25.64 -18.41 -25.37
N LEU A 64 25.37 -19.29 -24.39
CA LEU A 64 25.47 -20.73 -24.61
C LEU A 64 24.47 -21.17 -25.68
N PRO A 65 24.84 -22.16 -26.51
CA PRO A 65 23.97 -22.53 -27.64
C PRO A 65 22.55 -22.85 -27.21
N GLN A 66 22.36 -23.54 -26.08
CA GLN A 66 21.02 -23.90 -25.63
C GLN A 66 20.22 -22.71 -25.12
N ASN A 67 20.87 -21.57 -24.87
CA ASN A 67 20.16 -20.40 -24.34
C ASN A 67 19.90 -19.32 -25.39
N LEU A 68 20.51 -19.41 -26.59
CA LEU A 68 20.35 -18.37 -27.59
C LEU A 68 18.89 -18.08 -27.90
N ASP A 69 18.07 -19.12 -28.04
CA ASP A 69 16.67 -18.90 -28.41
C ASP A 69 15.83 -18.39 -27.25
N LYS A 70 16.42 -18.23 -26.08
CA LYS A 70 15.74 -17.67 -24.92
C LYS A 70 15.93 -16.17 -24.80
N ASN A 71 16.70 -15.55 -25.67
CA ASN A 71 16.93 -14.12 -25.69
C ASN A 71 16.09 -13.50 -26.81
N ARG A 72 15.24 -12.55 -26.45
CA ARG A 72 14.43 -11.88 -27.45
C ARG A 72 15.28 -11.07 -28.42
N ILE A 73 16.33 -10.40 -27.91
CA ILE A 73 17.24 -9.59 -28.70
C ILE A 73 18.65 -10.13 -28.49
N LYS A 74 19.34 -10.41 -29.59
CA LYS A 74 20.52 -11.24 -29.52
C LYS A 74 21.59 -10.67 -28.61
N ASP A 75 21.70 -9.34 -28.53
CA ASP A 75 22.76 -8.73 -27.73
C ASP A 75 22.26 -7.97 -26.50
N VAL A 76 21.02 -8.18 -26.08
CA VAL A 76 20.55 -7.65 -24.79
C VAL A 76 20.54 -8.83 -23.84
N LEU A 77 21.59 -8.92 -23.01
CA LEU A 77 21.89 -10.11 -22.26
C LEU A 77 22.22 -9.79 -20.81
N PRO A 78 21.85 -10.67 -19.90
CA PRO A 78 22.18 -10.46 -18.49
C PRO A 78 23.64 -10.79 -18.19
N TYR A 79 24.22 -10.03 -17.27
CA TYR A 79 25.49 -10.42 -16.68
C TYR A 79 25.35 -11.73 -15.92
N ASP A 80 26.42 -12.53 -15.93
CA ASP A 80 26.47 -13.75 -15.13
C ASP A 80 26.17 -13.50 -13.65
N THR A 81 26.77 -12.47 -13.07
CA THR A 81 26.73 -12.32 -11.62
C THR A 81 25.35 -11.95 -11.10
N THR A 82 24.55 -11.23 -11.90
CA THR A 82 23.25 -10.77 -11.43
C THR A 82 22.09 -11.43 -12.16
N ARG A 83 22.32 -12.45 -12.97
CA ARG A 83 21.22 -13.11 -13.64
C ARG A 83 20.37 -13.91 -12.66
N VAL A 84 19.09 -14.01 -12.96
CA VAL A 84 18.16 -14.80 -12.16
C VAL A 84 18.32 -16.26 -12.53
N LEU A 85 18.52 -17.11 -11.54
CA LEU A 85 18.66 -18.54 -11.80
C LEU A 85 17.34 -19.25 -11.64
N LEU A 86 17.05 -20.16 -12.56
CA LEU A 86 15.97 -21.11 -12.43
C LEU A 86 16.49 -22.41 -11.84
N GLN A 87 15.64 -23.06 -11.05
CA GLN A 87 15.96 -24.39 -10.54
C GLN A 87 15.79 -25.41 -11.66
N GLY A 88 16.64 -26.43 -11.66
CA GLY A 88 16.55 -27.51 -12.62
C GLY A 88 17.74 -27.54 -13.57
N ASN A 89 17.59 -28.35 -14.61
CA ASN A 89 18.70 -28.62 -15.54
C ASN A 89 18.99 -27.40 -16.41
N GLU A 90 17.97 -26.66 -16.79
CA GLU A 90 18.10 -25.50 -17.68
C GLU A 90 17.83 -24.24 -16.85
N ASP A 91 18.88 -23.67 -16.28
CA ASP A 91 18.73 -22.61 -15.28
C ASP A 91 18.52 -21.21 -15.88
N TYR A 92 18.39 -21.06 -17.17
CA TYR A 92 18.53 -19.74 -17.80
C TYR A 92 17.20 -19.06 -18.09
N ILE A 93 17.13 -17.79 -17.69
CA ILE A 93 16.14 -16.86 -18.19
C ILE A 93 16.85 -15.52 -18.38
N ASN A 94 16.41 -14.76 -19.35
CA ASN A 94 16.98 -13.44 -19.58
C ASN A 94 16.31 -12.48 -18.61
N ALA A 95 16.89 -12.38 -17.41
CA ALA A 95 16.36 -11.62 -16.29
C ALA A 95 17.51 -11.31 -15.37
N SER A 96 17.42 -10.16 -14.70
CA SER A 96 18.50 -9.64 -13.86
C SER A 96 17.94 -9.11 -12.56
N TYR A 97 18.63 -9.41 -11.46
CA TYR A 97 18.38 -8.71 -10.21
C TYR A 97 18.92 -7.30 -10.30
N VAL A 98 18.08 -6.30 -10.02
CA VAL A 98 18.48 -4.90 -10.01
C VAL A 98 17.99 -4.34 -8.68
N ASN A 99 18.91 -3.96 -7.80
CA ASN A 99 18.60 -3.47 -6.47
C ASN A 99 19.12 -2.05 -6.34
N MET A 100 18.24 -1.12 -5.96
CA MET A 100 18.58 0.30 -5.87
C MET A 100 18.60 0.70 -4.40
N GLU A 101 19.78 1.02 -3.91
CA GLU A 101 20.00 1.36 -2.51
C GLU A 101 19.80 2.84 -2.31
N ILE A 102 19.23 3.19 -1.17
CA ILE A 102 19.34 4.56 -0.69
C ILE A 102 20.02 4.45 0.66
N PRO A 103 21.37 4.48 0.71
CA PRO A 103 22.06 4.07 1.95
C PRO A 103 21.75 4.95 3.15
N ALA A 104 21.44 6.19 2.91
CA ALA A 104 21.12 7.07 3.98
C ALA A 104 19.75 6.86 4.55
N ALA A 105 19.12 5.73 4.26
CA ALA A 105 17.74 5.48 4.65
C ALA A 105 17.45 4.02 4.99
N ASN A 106 18.46 3.15 5.04
CA ASN A 106 18.22 1.75 5.39
C ASN A 106 17.27 1.09 4.40
N LEU A 107 17.37 1.49 3.12
CA LEU A 107 16.34 1.17 2.13
C LEU A 107 16.99 0.62 0.86
N VAL A 108 16.48 -0.53 0.41
CA VAL A 108 16.82 -1.10 -0.90
C VAL A 108 15.52 -1.41 -1.62
N ASN A 109 15.35 -0.85 -2.83
CA ASN A 109 14.23 -1.20 -3.67
C ASN A 109 14.67 -2.29 -4.64
N LYS A 110 14.08 -3.46 -4.51
CA LYS A 110 14.45 -4.62 -5.28
C LYS A 110 13.57 -4.75 -6.51
N TYR A 111 14.21 -5.10 -7.63
CA TYR A 111 13.55 -5.38 -8.87
C TYR A 111 14.14 -6.64 -9.51
N ILE A 112 13.32 -7.30 -10.32
CA ILE A 112 13.81 -8.21 -11.35
C ILE A 112 13.45 -7.58 -12.66
N ALA A 113 14.46 -7.24 -13.45
CA ALA A 113 14.29 -6.64 -14.75
C ALA A 113 14.44 -7.74 -15.80
N THR A 114 13.45 -7.88 -16.67
CA THR A 114 13.46 -9.00 -17.61
C THR A 114 12.85 -8.54 -18.92
N GLN A 115 12.98 -9.37 -19.95
CA GLN A 115 12.40 -9.14 -21.25
C GLN A 115 10.93 -9.61 -21.27
N GLY A 116 10.20 -9.18 -22.29
CA GLY A 116 8.91 -9.72 -22.56
C GLY A 116 9.06 -11.17 -22.98
N PRO A 117 8.39 -12.09 -22.28
CA PRO A 117 8.57 -13.51 -22.61
C PRO A 117 8.23 -13.81 -24.05
N LEU A 118 8.97 -14.79 -24.58
CA LEU A 118 8.72 -15.46 -25.84
C LEU A 118 7.75 -16.61 -25.64
N PRO A 119 7.10 -17.11 -26.71
CA PRO A 119 6.15 -18.22 -26.53
C PRO A 119 6.73 -19.34 -25.71
N HIS A 120 8.00 -19.66 -25.95
CA HIS A 120 8.66 -20.77 -25.31
C HIS A 120 9.44 -20.40 -24.04
N THR A 121 9.37 -19.16 -23.57
CA THR A 121 9.93 -18.84 -22.25
C THR A 121 8.88 -18.44 -21.23
N CYS A 122 7.60 -18.49 -21.58
CA CYS A 122 6.56 -18.17 -20.62
C CYS A 122 6.63 -19.10 -19.40
N ALA A 123 6.98 -20.36 -19.62
CA ALA A 123 7.08 -21.29 -18.49
C ALA A 123 8.16 -20.83 -17.51
N GLN A 124 9.28 -20.32 -18.02
CA GLN A 124 10.36 -19.87 -17.15
C GLN A 124 9.99 -18.57 -16.44
N PHE A 125 9.25 -17.69 -17.15
CA PHE A 125 8.77 -16.45 -16.55
C PHE A 125 7.88 -16.75 -15.35
N TRP A 126 6.89 -17.63 -15.53
CA TRP A 126 6.03 -17.93 -14.40
C TRP A 126 6.78 -18.70 -13.32
N GLN A 127 7.81 -19.48 -13.68
CA GLN A 127 8.61 -20.13 -12.66
C GLN A 127 9.28 -19.11 -11.73
N VAL A 128 9.84 -18.04 -12.28
CA VAL A 128 10.43 -16.99 -11.44
C VAL A 128 9.37 -16.39 -10.51
N VAL A 129 8.19 -16.08 -11.06
CA VAL A 129 7.14 -15.48 -10.25
C VAL A 129 6.81 -16.40 -9.08
N TRP A 130 6.70 -17.70 -9.36
CA TRP A 130 6.30 -18.68 -8.36
C TRP A 130 7.39 -18.88 -7.32
N ASP A 131 8.60 -19.17 -7.78
CA ASP A 131 9.72 -19.44 -6.88
C ASP A 131 9.94 -18.32 -5.90
N GLN A 132 9.71 -17.08 -6.32
CA GLN A 132 9.97 -15.94 -5.47
C GLN A 132 8.70 -15.35 -4.89
N LYS A 133 7.55 -15.97 -5.16
CA LYS A 133 6.22 -15.51 -4.76
C LYS A 133 6.09 -14.01 -4.94
N LEU A 134 6.41 -13.56 -6.16
CA LEU A 134 6.31 -12.15 -6.50
C LEU A 134 4.84 -11.76 -6.63
N SER A 135 4.47 -10.69 -5.95
CA SER A 135 3.08 -10.23 -5.95
CA SER A 135 3.08 -10.23 -5.98
C SER A 135 2.81 -9.10 -6.96
N LEU A 136 3.85 -8.52 -7.59
CA LEU A 136 3.65 -7.40 -8.51
C LEU A 136 4.51 -7.55 -9.75
N ILE A 137 3.83 -7.55 -10.91
CA ILE A 137 4.46 -7.52 -12.23
C ILE A 137 4.09 -6.20 -12.87
N VAL A 138 5.09 -5.49 -13.39
CA VAL A 138 4.92 -4.22 -14.09
C VAL A 138 5.41 -4.42 -15.53
N MET A 139 4.49 -4.39 -16.50
CA MET A 139 4.76 -4.55 -17.93
C MET A 139 4.63 -3.20 -18.60
N LEU A 140 5.67 -2.77 -19.34
CA LEU A 140 5.71 -1.42 -19.90
C LEU A 140 5.62 -1.40 -21.42
N THR A 141 5.01 -2.42 -22.02
CA THR A 141 4.88 -2.50 -23.47
C THR A 141 3.51 -3.05 -23.81
N THR A 142 3.06 -2.72 -25.01
CA THR A 142 1.99 -3.45 -25.68
C THR A 142 2.55 -4.75 -26.24
N LEU A 143 1.65 -5.67 -26.60
CA LEU A 143 2.08 -6.94 -27.17
C LEU A 143 2.77 -6.76 -28.51
N THR A 144 2.29 -5.82 -29.31
CA THR A 144 2.80 -5.54 -30.65
C THR A 144 2.82 -4.03 -30.85
N GLU A 145 3.66 -3.59 -31.78
CA GLU A 145 3.78 -2.17 -32.12
C GLU A 145 4.15 -2.02 -33.59
N ARG A 146 3.32 -1.33 -34.35
CA ARG A 146 3.53 -1.08 -35.78
C ARG A 146 3.94 -2.34 -36.51
N GLY A 147 3.22 -3.41 -36.21
CA GLY A 147 3.43 -4.71 -36.84
C GLY A 147 4.57 -5.53 -36.28
N ARG A 148 5.28 -5.03 -35.27
CA ARG A 148 6.43 -5.73 -34.71
C ARG A 148 6.04 -6.38 -33.39
N THR A 149 6.35 -7.66 -33.22
CA THR A 149 6.03 -8.35 -31.98
C THR A 149 6.95 -7.85 -30.85
N LYS A 150 6.35 -7.51 -29.69
CA LYS A 150 7.11 -7.04 -28.54
C LYS A 150 7.07 -7.99 -27.35
N CYS A 151 6.00 -8.76 -27.19
CA CYS A 151 5.84 -9.62 -26.03
C CYS A 151 4.77 -10.64 -26.33
N HIS A 152 5.01 -11.87 -25.93
CA HIS A 152 3.98 -12.90 -26.04
C HIS A 152 2.95 -12.68 -24.94
N GLN A 153 1.68 -12.95 -25.24
CA GLN A 153 0.66 -12.80 -24.21
C GLN A 153 0.73 -14.01 -23.28
N TYR A 154 1.35 -13.81 -22.11
CA TYR A 154 1.61 -14.89 -21.16
C TYR A 154 0.52 -15.05 -20.10
N TRP A 155 -0.58 -14.34 -20.23
CA TRP A 155 -1.72 -14.40 -19.33
C TRP A 155 -2.97 -14.61 -20.17
N PRO A 156 -3.98 -15.26 -19.62
CA PRO A 156 -5.21 -15.48 -20.39
C PRO A 156 -6.14 -14.28 -20.36
N ASP A 157 -6.88 -14.11 -21.44
CA ASP A 157 -8.01 -13.21 -21.39
C ASP A 157 -9.02 -13.76 -20.39
N PRO A 158 -9.74 -12.91 -19.65
CA PRO A 158 -10.86 -13.47 -18.91
C PRO A 158 -11.92 -13.96 -19.93
N PRO A 159 -12.48 -15.17 -19.74
CA PRO A 159 -12.33 -16.11 -18.64
C PRO A 159 -11.62 -17.40 -19.07
N ASP A 160 -10.68 -17.27 -20.02
CA ASP A 160 -9.85 -18.40 -20.42
C ASP A 160 -8.86 -18.74 -19.31
N VAL A 161 -8.16 -19.86 -19.50
CA VAL A 161 -7.05 -20.25 -18.65
C VAL A 161 -5.84 -20.57 -19.52
N MET A 162 -4.66 -20.53 -18.89
CA MET A 162 -3.42 -20.96 -19.51
C MET A 162 -2.69 -21.88 -18.57
N ASN A 163 -1.87 -22.75 -19.15
CA ASN A 163 -0.94 -23.57 -18.41
C ASN A 163 0.46 -23.31 -18.93
N HIS A 164 1.35 -22.86 -18.06
CA HIS A 164 2.74 -22.61 -18.44
C HIS A 164 3.63 -23.30 -17.43
N GLY A 165 4.40 -24.28 -17.90
CA GLY A 165 5.40 -24.94 -17.05
C GLY A 165 4.87 -25.51 -15.76
N GLY A 166 3.66 -26.04 -15.77
CA GLY A 166 3.10 -26.63 -14.57
C GLY A 166 2.38 -25.66 -13.66
N PHE A 167 2.18 -24.42 -14.11
CA PHE A 167 1.37 -23.45 -13.41
C PHE A 167 0.13 -23.14 -14.23
N HIS A 168 -1.01 -23.20 -13.57
CA HIS A 168 -2.29 -22.81 -14.12
C HIS A 168 -2.53 -21.33 -13.80
N ILE A 169 -2.83 -20.53 -14.83
CA ILE A 169 -2.97 -19.08 -14.72
C ILE A 169 -4.41 -18.72 -15.07
N GLN A 170 -5.02 -17.91 -14.22
CA GLN A 170 -6.36 -17.41 -14.47
C GLN A 170 -6.42 -15.91 -14.17
N CYS A 171 -7.14 -15.17 -15.01
CA CYS A 171 -7.33 -13.74 -14.80
C CYS A 171 -8.61 -13.54 -14.01
N GLN A 172 -8.50 -12.99 -12.79
CA GLN A 172 -9.67 -12.77 -11.94
C GLN A 172 -10.35 -11.42 -12.19
N SER A 173 -9.63 -10.43 -12.72
CA SER A 173 -10.20 -9.12 -13.02
C SER A 173 -9.31 -8.43 -14.03
N GLU A 174 -9.90 -7.49 -14.76
CA GLU A 174 -9.20 -6.73 -15.78
C GLU A 174 -9.88 -5.37 -15.83
N ASP A 175 -9.15 -4.33 -15.45
CA ASP A 175 -9.64 -2.95 -15.33
C ASP A 175 -8.74 -2.07 -16.17
N CYS A 176 -9.28 -1.52 -17.24
CA CYS A 176 -8.51 -0.66 -18.12
C CYS A 176 -8.68 0.79 -17.74
N THR A 177 -7.59 1.53 -17.91
CA THR A 177 -7.61 2.95 -17.84
C THR A 177 -6.98 3.48 -19.10
N ILE A 178 -6.95 4.80 -19.17
CA ILE A 178 -6.50 5.45 -20.38
C ILE A 178 -5.07 5.01 -20.71
N ALA A 179 -4.20 4.88 -19.69
CA ALA A 179 -2.78 4.65 -19.91
C ALA A 179 -2.31 3.25 -19.56
N TYR A 180 -3.07 2.50 -18.79
CA TYR A 180 -2.61 1.22 -18.24
C TYR A 180 -3.78 0.34 -17.88
N VAL A 181 -3.49 -0.96 -17.80
CA VAL A 181 -4.46 -2.00 -17.46
C VAL A 181 -4.01 -2.65 -16.16
N SER A 182 -4.95 -2.85 -15.24
CA SER A 182 -4.69 -3.60 -14.02
CA SER A 182 -4.70 -3.58 -14.00
C SER A 182 -5.41 -4.93 -14.08
N ARG A 183 -4.68 -6.01 -13.81
CA ARG A 183 -5.23 -7.37 -13.82
C ARG A 183 -4.84 -8.12 -12.55
N GLU A 184 -5.80 -8.85 -11.97
CA GLU A 184 -5.50 -9.74 -10.85
C GLU A 184 -5.37 -11.14 -11.41
N MET A 185 -4.23 -11.78 -11.15
CA MET A 185 -3.99 -13.10 -11.70
C MET A 185 -3.85 -14.12 -10.56
N LEU A 186 -4.56 -15.23 -10.69
CA LEU A 186 -4.41 -16.37 -9.79
C LEU A 186 -3.53 -17.43 -10.43
N VAL A 187 -2.40 -17.73 -9.79
CA VAL A 187 -1.41 -18.71 -10.24
C VAL A 187 -1.54 -19.94 -9.34
N THR A 188 -1.82 -21.10 -9.94
CA THR A 188 -1.98 -22.34 -9.19
C THR A 188 -0.92 -23.33 -9.63
N ASN A 189 -0.15 -23.83 -8.67
CA ASN A 189 0.78 -24.92 -8.91
C ASN A 189 -0.04 -26.18 -9.12
N THR A 190 -0.02 -26.71 -10.35
CA THR A 190 -0.96 -27.79 -10.67
C THR A 190 -0.65 -29.06 -9.91
N GLN A 191 0.62 -29.31 -9.58
CA GLN A 191 1.00 -30.54 -8.90
C GLN A 191 0.63 -30.56 -7.42
N THR A 192 0.43 -29.40 -6.80
CA THR A 192 0.16 -29.35 -5.37
C THR A 192 -1.11 -28.59 -4.99
N GLY A 193 -1.74 -27.90 -5.94
CA GLY A 193 -2.93 -27.12 -5.63
C GLY A 193 -2.66 -25.80 -4.96
N GLU A 194 -1.41 -25.46 -4.67
CA GLU A 194 -1.11 -24.23 -3.97
C GLU A 194 -1.39 -23.02 -4.88
N GLU A 195 -1.86 -21.94 -4.27
CA GLU A 195 -2.34 -20.76 -4.97
C GLU A 195 -1.54 -19.53 -4.58
N HIS A 196 -1.31 -18.65 -5.57
CA HIS A 196 -0.59 -17.41 -5.36
C HIS A 196 -1.23 -16.34 -6.23
N THR A 197 -1.45 -15.15 -5.67
CA THR A 197 -2.08 -14.06 -6.41
C THR A 197 -1.05 -12.99 -6.76
N VAL A 198 -1.11 -12.52 -8.00
CA VAL A 198 -0.23 -11.46 -8.46
CA VAL A 198 -0.22 -11.50 -8.54
C VAL A 198 -1.06 -10.35 -9.08
N THR A 199 -0.65 -9.12 -8.79
CA THR A 199 -1.17 -7.95 -9.45
C THR A 199 -0.31 -7.65 -10.67
N HIS A 200 -0.94 -7.49 -11.81
CA HIS A 200 -0.27 -7.30 -13.10
C HIS A 200 -0.70 -5.95 -13.64
N LEU A 201 0.27 -5.06 -13.86
CA LEU A 201 0.02 -3.73 -14.36
C LEU A 201 0.68 -3.61 -15.72
N GLN A 202 -0.10 -3.24 -16.72
CA GLN A 202 0.41 -3.11 -18.09
C GLN A 202 0.23 -1.67 -18.55
N TYR A 203 1.33 -0.98 -18.79
CA TYR A 203 1.29 0.40 -19.27
C TYR A 203 1.34 0.35 -20.78
N VAL A 204 0.27 0.83 -21.44
CA VAL A 204 0.07 0.66 -22.87
C VAL A 204 0.30 1.94 -23.66
N ALA A 205 0.62 3.03 -23.00
CA ALA A 205 0.78 4.30 -23.64
C ALA A 205 2.21 4.84 -23.60
N TRP A 206 3.12 3.98 -23.99
CA TRP A 206 4.55 4.27 -23.88
C TRP A 206 5.25 3.47 -24.96
N PRO A 207 5.52 4.07 -26.10
CA PRO A 207 6.11 3.33 -27.22
C PRO A 207 7.58 2.97 -27.04
N ASP A 208 7.98 1.87 -27.69
CA ASP A 208 9.36 1.39 -27.59
C ASP A 208 10.34 2.47 -28.04
N HIS A 209 11.44 2.59 -27.30
CA HIS A 209 12.50 3.57 -27.55
C HIS A 209 12.01 4.99 -27.45
N GLY A 210 10.86 5.20 -26.83
CA GLY A 210 10.27 6.50 -26.65
C GLY A 210 9.99 6.88 -25.20
N VAL A 211 9.18 7.93 -25.04
CA VAL A 211 8.78 8.48 -23.75
C VAL A 211 7.28 8.25 -23.58
N PRO A 212 6.78 8.28 -22.35
CA PRO A 212 5.34 8.16 -22.15
C PRO A 212 4.57 9.20 -22.94
N ASP A 213 3.44 8.76 -23.49
CA ASP A 213 2.56 9.66 -24.24
C ASP A 213 2.11 10.83 -23.38
N ASP A 214 1.91 10.60 -22.08
CA ASP A 214 1.47 11.64 -21.18
C ASP A 214 2.26 11.57 -19.88
N SER A 215 3.00 12.64 -19.59
CA SER A 215 3.87 12.65 -18.41
C SER A 215 3.07 12.54 -17.12
N SER A 216 1.89 13.18 -17.04
CA SER A 216 1.08 13.06 -15.83
C SER A 216 0.59 11.64 -15.62
N ASP A 217 0.16 10.96 -16.68
CA ASP A 217 -0.27 9.57 -16.55
C ASP A 217 0.88 8.69 -16.06
N PHE A 218 2.09 8.95 -16.56
CA PHE A 218 3.26 8.19 -16.14
C PHE A 218 3.55 8.37 -14.66
N LEU A 219 3.52 9.60 -14.18
CA LEU A 219 3.81 9.83 -12.76
C LEU A 219 2.74 9.22 -11.85
N GLU A 220 1.47 9.32 -12.23
CA GLU A 220 0.41 8.65 -11.46
C GLU A 220 0.67 7.15 -11.41
N PHE A 221 1.09 6.59 -12.54
CA PHE A 221 1.36 5.17 -12.59
C PHE A 221 2.54 4.80 -11.69
N VAL A 222 3.62 5.57 -11.70
CA VAL A 222 4.75 5.22 -10.84
C VAL A 222 4.33 5.27 -9.37
N ASN A 223 3.66 6.23 -9.00
CA ASN A 223 3.20 6.24 -7.62
CA ASN A 223 2.96 6.37 -7.65
C ASN A 223 2.28 5.07 -7.32
N TYR A 224 1.38 4.65 -8.28
CA TYR A 224 0.58 3.45 -8.08
C TYR A 224 1.46 2.22 -7.85
N VAL A 225 2.50 2.06 -8.69
CA VAL A 225 3.48 1.00 -8.49
C VAL A 225 4.08 1.08 -7.09
N ARG A 226 4.49 2.27 -6.66
CA ARG A 226 5.10 2.42 -5.35
C ARG A 226 4.14 1.99 -4.26
N SER A 227 2.85 2.26 -4.46
CA SER A 227 1.86 1.89 -3.44
C SER A 227 1.69 0.39 -3.32
N LEU A 228 2.00 -0.36 -4.37
CA LEU A 228 1.83 -1.80 -4.39
C LEU A 228 3.11 -2.55 -4.04
N ARG A 229 4.24 -1.86 -3.98
CA ARG A 229 5.50 -2.49 -3.59
C ARG A 229 5.38 -3.04 -2.18
N VAL A 230 5.94 -4.22 -1.97
CA VAL A 230 6.00 -4.82 -0.64
C VAL A 230 7.45 -4.90 -0.24
N ASP A 231 7.71 -4.45 0.97
CA ASP A 231 8.98 -4.54 1.64
C ASP A 231 9.82 -5.74 1.27
N SER A 232 11.04 -5.51 0.82
CA SER A 232 12.00 -6.59 0.64
C SER A 232 11.55 -7.66 -0.35
N GLU A 233 10.52 -7.41 -1.16
CA GLU A 233 10.12 -8.30 -2.24
C GLU A 233 10.41 -7.63 -3.57
N PRO A 234 11.06 -8.29 -4.54
CA PRO A 234 11.32 -7.61 -5.82
C PRO A 234 10.03 -7.35 -6.60
N VAL A 235 10.00 -6.20 -7.29
CA VAL A 235 8.99 -5.95 -8.30
C VAL A 235 9.54 -6.47 -9.61
N LEU A 236 8.78 -7.31 -10.30
CA LEU A 236 9.18 -7.77 -11.63
CA LEU A 236 9.21 -7.75 -11.62
C LEU A 236 8.78 -6.70 -12.64
N VAL A 237 9.76 -6.16 -13.39
CA VAL A 237 9.50 -5.11 -14.37
C VAL A 237 10.02 -5.61 -15.71
N HIS A 238 9.22 -5.43 -16.74
CA HIS A 238 9.68 -5.77 -18.09
C HIS A 238 9.01 -4.88 -19.12
N CYS A 239 9.70 -4.65 -20.22
CA CYS A 239 9.12 -4.14 -21.40
C CYS A 239 9.27 -5.19 -22.49
N SER A 240 9.80 -4.84 -23.66
CA SER A 240 10.09 -5.90 -24.63
C SER A 240 11.48 -6.47 -24.38
N ALA A 241 12.51 -5.61 -24.38
CA ALA A 241 13.88 -6.05 -24.13
C ALA A 241 14.26 -6.00 -22.66
N GLY A 242 13.53 -5.28 -21.83
CA GLY A 242 13.86 -5.22 -20.42
C GLY A 242 14.91 -4.22 -20.01
N ILE A 243 15.16 -3.20 -20.81
CA ILE A 243 16.17 -2.22 -20.48
C ILE A 243 15.79 -0.73 -20.62
N GLY A 244 15.04 -0.35 -21.64
CA GLY A 244 14.85 1.08 -21.85
C GLY A 244 13.75 1.67 -20.99
N ARG A 245 12.51 1.30 -21.29
CA ARG A 245 11.38 1.78 -20.49
C ARG A 245 11.50 1.27 -19.05
N THR A 246 11.98 0.04 -18.89
CA THR A 246 12.25 -0.51 -17.57
C THR A 246 13.21 0.39 -16.79
N GLY A 247 14.28 0.82 -17.46
CA GLY A 247 15.25 1.69 -16.80
C GLY A 247 14.69 3.05 -16.44
N VAL A 248 13.82 3.61 -17.28
CA VAL A 248 13.20 4.87 -16.95
C VAL A 248 12.34 4.73 -15.70
N LEU A 249 11.54 3.65 -15.62
CA LEU A 249 10.71 3.45 -14.43
C LEU A 249 11.55 3.31 -13.17
N VAL A 250 12.62 2.52 -13.22
CA VAL A 250 13.46 2.31 -12.05
C VAL A 250 14.08 3.65 -11.61
N THR A 251 14.56 4.44 -12.57
CA THR A 251 15.16 5.73 -12.26
C THR A 251 14.13 6.62 -11.57
N MET A 252 12.90 6.64 -12.09
CA MET A 252 11.87 7.50 -11.53
C MET A 252 11.51 7.09 -10.12
N GLU A 253 11.29 5.79 -9.88
CA GLU A 253 10.93 5.37 -8.53
C GLU A 253 12.05 5.72 -7.56
N THR A 254 13.31 5.50 -7.96
CA THR A 254 14.43 5.83 -7.09
C THR A 254 14.40 7.31 -6.73
N ALA A 255 14.24 8.17 -7.74
CA ALA A 255 14.22 9.61 -7.52
C ALA A 255 13.07 10.03 -6.61
N MET A 256 11.90 9.44 -6.75
CA MET A 256 10.78 9.81 -5.88
C MET A 256 11.10 9.48 -4.43
N CYS A 257 11.75 8.33 -4.19
CA CYS A 257 12.17 7.99 -2.83
C CYS A 257 13.16 9.00 -2.29
N LEU A 258 14.10 9.46 -3.12
CA LEU A 258 15.08 10.43 -2.67
C LEU A 258 14.46 11.81 -2.40
N THR A 259 13.57 12.29 -3.27
CA THR A 259 13.05 13.63 -3.05
CA THR A 259 12.95 13.61 -3.10
C THR A 259 12.22 13.67 -1.77
N GLU A 260 11.48 12.61 -1.48
CA GLU A 260 10.61 12.59 -0.29
C GLU A 260 11.43 12.58 0.98
N ARG A 261 12.63 12.04 0.92
CA ARG A 261 13.53 11.97 2.06
C ARG A 261 14.51 13.13 2.10
N ASN A 262 14.34 14.12 1.23
CA ASN A 262 15.18 15.31 1.19
C ASN A 262 16.65 14.93 1.02
N LEU A 263 16.91 14.00 0.07
CA LEU A 263 18.26 13.50 -0.24
C LEU A 263 18.64 13.93 -1.64
N PRO A 264 19.90 14.23 -1.91
CA PRO A 264 20.29 14.67 -3.25
C PRO A 264 20.11 13.60 -4.32
N ILE A 265 19.77 14.05 -5.52
CA ILE A 265 19.49 13.18 -6.67
C ILE A 265 20.48 13.48 -7.77
N TYR A 266 21.23 12.44 -8.21
CA TYR A 266 22.15 12.52 -9.35
C TYR A 266 21.72 11.47 -10.35
N PRO A 267 20.90 11.84 -11.34
CA PRO A 267 20.36 10.81 -12.25
C PRO A 267 21.44 10.00 -12.94
N LEU A 268 22.61 10.60 -13.18
CA LEU A 268 23.66 9.88 -13.89
C LEU A 268 24.15 8.72 -13.06
N ASP A 269 24.25 8.91 -11.75
CA ASP A 269 24.71 7.85 -10.88
C ASP A 269 23.64 6.80 -10.67
N ILE A 270 22.36 7.20 -10.68
CA ILE A 270 21.28 6.23 -10.62
C ILE A 270 21.36 5.32 -11.84
N VAL A 271 21.56 5.90 -13.02
CA VAL A 271 21.64 5.09 -14.23
C VAL A 271 22.87 4.18 -14.20
N ARG A 272 24.01 4.70 -13.74
CA ARG A 272 25.22 3.88 -13.64
C ARG A 272 25.00 2.70 -12.70
N LYS A 273 24.35 2.95 -11.55
CA LYS A 273 24.12 1.90 -10.58
C LYS A 273 23.20 0.82 -11.13
N MET A 274 22.19 1.21 -11.93
CA MET A 274 21.38 0.24 -12.66
C MET A 274 22.22 -0.56 -13.66
N ARG A 275 23.04 0.13 -14.44
CA ARG A 275 23.77 -0.50 -15.53
C ARG A 275 24.84 -1.45 -15.03
N ASP A 276 25.32 -1.26 -13.79
CA ASP A 276 26.20 -2.25 -13.19
C ASP A 276 25.47 -3.55 -12.85
N GLN A 277 24.14 -3.59 -12.96
CA GLN A 277 23.35 -4.78 -12.66
C GLN A 277 22.63 -5.35 -13.88
N ARG A 278 22.24 -4.51 -14.83
CA ARG A 278 21.75 -4.97 -16.13
C ARG A 278 22.20 -3.93 -17.16
N ALA A 279 22.93 -4.36 -18.17
CA ALA A 279 23.49 -3.44 -19.14
C ALA A 279 22.41 -2.67 -19.89
N MET A 280 22.73 -1.43 -20.25
CA MET A 280 22.00 -0.62 -21.25
C MET A 280 20.72 0.00 -20.70
N MET A 281 20.44 -0.11 -19.40
CA MET A 281 19.22 0.45 -18.88
CA MET A 281 19.24 0.48 -18.82
C MET A 281 19.16 1.96 -19.15
N VAL A 282 17.99 2.38 -19.59
CA VAL A 282 17.74 3.67 -20.22
C VAL A 282 18.42 3.72 -21.56
N GLN A 283 17.65 3.50 -22.63
CA GLN A 283 18.30 3.27 -23.90
C GLN A 283 18.66 4.55 -24.63
N THR A 284 17.82 5.59 -24.58
CA THR A 284 18.04 6.76 -25.42
C THR A 284 18.26 8.03 -24.61
N SER A 285 18.97 8.96 -25.25
CA SER A 285 19.20 10.26 -24.65
CA SER A 285 19.20 10.25 -24.63
C SER A 285 17.89 11.00 -24.41
N SER A 286 16.91 10.83 -25.31
CA SER A 286 15.61 11.45 -25.07
C SER A 286 14.90 10.84 -23.88
N GLN A 287 15.04 9.53 -23.66
CA GLN A 287 14.47 8.92 -22.46
C GLN A 287 15.11 9.49 -21.22
N TYR A 288 16.43 9.68 -21.26
CA TYR A 288 17.10 10.25 -20.11
C TYR A 288 16.66 11.68 -19.84
N LYS A 289 16.58 12.48 -20.89
CA LYS A 289 16.11 13.86 -20.76
C LYS A 289 14.71 13.89 -20.17
N PHE A 290 13.84 12.99 -20.64
CA PHE A 290 12.49 12.90 -20.11
C PHE A 290 12.51 12.63 -18.60
N VAL A 291 13.27 11.62 -18.16
CA VAL A 291 13.18 11.26 -16.76
C VAL A 291 13.81 12.37 -15.90
N CYS A 292 14.82 13.07 -16.42
CA CYS A 292 15.41 14.20 -15.70
C CYS A 292 14.39 15.32 -15.53
N GLU A 293 13.65 15.65 -16.58
CA GLU A 293 12.59 16.66 -16.49
C GLU A 293 11.49 16.22 -15.53
N ALA A 294 11.14 14.94 -15.56
CA ALA A 294 10.11 14.45 -14.66
C ALA A 294 10.56 14.55 -13.22
N ILE A 295 11.84 14.26 -12.97
CA ILE A 295 12.39 14.38 -11.63
C ILE A 295 12.25 15.82 -11.12
N LEU A 296 12.58 16.80 -11.95
CA LEU A 296 12.42 18.20 -11.57
C LEU A 296 10.97 18.54 -11.26
N ARG A 297 10.05 18.01 -12.07
CA ARG A 297 8.62 18.24 -11.82
C ARG A 297 8.19 17.68 -10.47
N VAL A 298 8.55 16.42 -10.16
CA VAL A 298 8.09 15.87 -8.90
CA VAL A 298 8.18 15.80 -8.89
C VAL A 298 8.75 16.59 -7.72
N TYR A 299 9.99 17.05 -7.89
CA TYR A 299 10.62 17.86 -6.85
C TYR A 299 9.85 19.14 -6.61
N GLU A 300 9.53 19.85 -7.69
CA GLU A 300 8.82 21.13 -7.54
C GLU A 300 7.43 20.93 -6.95
N GLU A 301 6.73 19.88 -7.37
CA GLU A 301 5.44 19.60 -6.76
C GLU A 301 5.57 19.24 -5.28
N GLY A 302 6.66 18.59 -4.88
CA GLY A 302 6.86 18.24 -3.50
C GLY A 302 7.12 19.45 -2.62
N LEU A 303 7.66 20.52 -3.21
CA LEU A 303 7.84 21.75 -2.43
C LEU A 303 6.51 22.38 -2.07
N VAL A 304 5.45 22.08 -2.83
CA VAL A 304 4.11 22.57 -2.51
C VAL A 304 3.48 21.64 -1.49
N ASP B 25 -34.41 17.98 19.06
CA ASP B 25 -35.46 17.04 18.71
C ASP B 25 -35.45 15.88 19.72
N THR B 26 -36.34 14.94 19.51
CA THR B 26 -36.33 13.65 20.18
C THR B 26 -35.58 12.64 19.31
N LEU B 27 -35.25 11.51 19.92
CA LEU B 27 -34.72 10.40 19.13
C LEU B 27 -35.69 10.03 18.02
N GLU B 28 -36.97 9.87 18.36
CA GLU B 28 -38.00 9.57 17.36
C GLU B 28 -37.96 10.58 16.20
N GLY B 29 -37.93 11.86 16.53
CA GLY B 29 -37.90 12.88 15.49
C GLY B 29 -36.64 12.79 14.64
N SER B 30 -35.48 12.56 15.27
CA SER B 30 -34.25 12.47 14.51
C SER B 30 -34.24 11.26 13.58
N MET B 31 -34.93 10.18 13.97
CA MET B 31 -34.97 9.03 13.09
C MET B 31 -35.96 9.21 11.94
N ALA B 32 -37.08 9.89 12.18
CA ALA B 32 -37.95 10.27 11.08
C ALA B 32 -37.22 11.14 10.08
N GLN B 33 -36.41 12.08 10.58
CA GLN B 33 -35.65 12.96 9.68
C GLN B 33 -34.63 12.17 8.87
N LEU B 34 -33.90 11.26 9.52
CA LEU B 34 -32.91 10.45 8.84
C LEU B 34 -33.55 9.60 7.74
N LYS B 35 -34.66 8.92 8.07
CA LYS B 35 -35.33 8.08 7.08
C LYS B 35 -35.82 8.92 5.89
N LYS B 36 -36.47 10.05 6.19
CA LYS B 36 -36.95 10.92 5.11
C LYS B 36 -35.80 11.41 4.24
N GLY B 37 -34.67 11.75 4.84
CA GLY B 37 -33.56 12.33 4.11
C GLY B 37 -32.75 11.32 3.34
N LEU B 38 -32.72 10.07 3.80
CA LEU B 38 -32.18 8.99 2.98
C LEU B 38 -33.01 8.82 1.72
N GLU B 39 -34.34 8.96 1.84
CA GLU B 39 -35.20 8.79 0.68
C GLU B 39 -35.06 9.96 -0.30
N SER B 40 -34.98 11.18 0.22
CA SER B 40 -35.07 12.38 -0.60
C SER B 40 -33.74 12.73 -1.22
N GLY B 41 -32.65 12.26 -0.62
CA GLY B 41 -31.33 12.61 -1.07
C GLY B 41 -30.62 13.63 -0.23
N THR B 42 -31.31 14.32 0.69
CA THR B 42 -30.67 15.41 1.43
C THR B 42 -29.58 14.88 2.36
N VAL B 43 -29.75 13.67 2.91
CA VAL B 43 -28.75 13.17 3.85
C VAL B 43 -27.41 12.98 3.15
N LEU B 44 -27.41 12.40 1.95
CA LEU B 44 -26.15 12.22 1.26
C LEU B 44 -25.62 13.53 0.68
N ILE B 45 -26.50 14.45 0.26
CA ILE B 45 -26.01 15.76 -0.20
C ILE B 45 -25.29 16.48 0.94
N GLN B 46 -25.84 16.46 2.16
CA GLN B 46 -25.17 17.11 3.27
C GLN B 46 -23.82 16.45 3.58
N PHE B 47 -23.76 15.13 3.48
CA PHE B 47 -22.49 14.41 3.69
C PHE B 47 -21.45 14.86 2.68
N GLU B 48 -21.84 14.97 1.41
CA GLU B 48 -20.89 15.35 0.35
C GLU B 48 -20.36 16.77 0.57
N GLN B 49 -21.10 17.62 1.27
CA GLN B 49 -20.71 19.00 1.57
C GLN B 49 -19.87 19.15 2.83
N LEU B 50 -19.79 18.10 3.65
CA LEU B 50 -18.97 18.15 4.84
C LEU B 50 -17.49 18.15 4.48
N TYR B 51 -16.72 19.02 5.12
CA TYR B 51 -15.29 19.00 4.93
C TYR B 51 -14.71 17.62 5.25
N ARG B 52 -13.71 17.21 4.48
CA ARG B 52 -13.01 15.99 4.79
C ARG B 52 -11.85 16.21 5.77
N LYS B 53 -11.21 17.36 5.69
CA LYS B 53 -10.17 17.79 6.62
C LYS B 53 -10.63 19.10 7.24
N LYS B 54 -10.50 19.21 8.54
CA LYS B 54 -10.92 20.43 9.23
C LYS B 54 -9.99 21.55 8.81
N PRO B 55 -10.50 22.63 8.20
CA PRO B 55 -9.65 23.80 7.98
C PRO B 55 -9.17 24.31 9.31
N GLY B 56 -7.92 24.70 9.35
CA GLY B 56 -7.40 25.34 10.53
C GLY B 56 -6.66 24.44 11.46
N LEU B 57 -6.56 23.14 11.17
CA LEU B 57 -5.74 22.24 11.96
C LEU B 57 -4.49 21.90 11.16
N ALA B 58 -3.34 22.18 11.74
CA ALA B 58 -2.06 21.98 11.09
C ALA B 58 -1.75 20.49 10.95
N ILE B 59 -1.17 20.14 9.82
CA ILE B 59 -0.57 18.82 9.61
C ILE B 59 0.85 19.10 9.12
N THR B 60 1.80 18.95 10.01
CA THR B 60 3.17 19.21 9.70
C THR B 60 4.12 18.05 10.00
N PHE B 61 4.07 17.49 11.19
CA PHE B 61 4.96 16.39 11.56
C PHE B 61 4.79 15.20 10.63
N ALA B 62 3.55 14.91 10.23
CA ALA B 62 3.31 13.76 9.37
C ALA B 62 3.94 13.90 8.00
N LYS B 63 4.27 15.13 7.58
CA LYS B 63 4.83 15.42 6.26
C LYS B 63 6.35 15.58 6.27
N LEU B 64 6.96 15.59 7.43
CA LEU B 64 8.40 15.74 7.52
C LEU B 64 9.09 14.63 6.72
N PRO B 65 10.24 14.92 6.10
CA PRO B 65 10.93 13.89 5.31
C PRO B 65 11.20 12.60 6.09
N GLN B 66 11.55 12.70 7.36
CA GLN B 66 11.89 11.51 8.14
C GLN B 66 10.65 10.70 8.52
N ASN B 67 9.46 11.23 8.28
CA ASN B 67 8.23 10.55 8.67
C ASN B 67 7.37 10.09 7.49
N LEU B 68 7.60 10.58 6.28
CA LEU B 68 6.68 10.28 5.19
C LEU B 68 6.56 8.77 4.96
N ASP B 69 7.64 8.02 5.13
CA ASP B 69 7.58 6.59 4.88
C ASP B 69 6.90 5.81 6.00
N LYS B 70 6.54 6.48 7.09
CA LYS B 70 5.76 5.89 8.15
C LYS B 70 4.25 5.99 7.92
N ASN B 71 3.83 6.60 6.82
CA ASN B 71 2.44 6.69 6.42
C ASN B 71 2.14 5.67 5.34
N ARG B 72 1.12 4.83 5.56
CA ARG B 72 0.73 3.85 4.56
C ARG B 72 0.18 4.51 3.30
N ILE B 73 -0.71 5.50 3.47
CA ILE B 73 -1.31 6.25 2.38
C ILE B 73 -0.87 7.70 2.52
N LYS B 74 -0.34 8.26 1.42
CA LYS B 74 0.40 9.51 1.48
C LYS B 74 -0.43 10.68 2.00
N ASP B 75 -1.72 10.72 1.70
CA ASP B 75 -2.56 11.86 2.12
C ASP B 75 -3.56 11.49 3.21
N VAL B 76 -3.31 10.42 3.97
CA VAL B 76 -4.13 10.10 5.14
C VAL B 76 -3.20 10.28 6.32
N LEU B 77 -3.27 11.48 6.92
CA LEU B 77 -2.29 11.94 7.88
C LEU B 77 -2.96 12.49 9.13
N PRO B 78 -2.35 12.33 10.29
CA PRO B 78 -2.93 12.88 11.52
C PRO B 78 -2.69 14.37 11.65
N TYR B 79 -3.65 15.03 12.28
CA TYR B 79 -3.43 16.40 12.74
C TYR B 79 -2.35 16.46 13.82
N ASP B 80 -1.58 17.55 13.81
CA ASP B 80 -0.59 17.76 14.86
C ASP B 80 -1.22 17.71 16.25
N THR B 81 -2.37 18.37 16.43
CA THR B 81 -2.92 18.53 17.77
C THR B 81 -3.36 17.21 18.37
N THR B 82 -3.88 16.28 17.55
CA THR B 82 -4.46 15.07 18.09
C THR B 82 -3.63 13.83 17.81
N ARG B 83 -2.41 14.00 17.28
CA ARG B 83 -1.61 12.82 16.96
C ARG B 83 -1.08 12.19 18.24
N VAL B 84 -0.93 10.87 18.21
CA VAL B 84 -0.38 10.14 19.34
C VAL B 84 1.13 10.31 19.33
N LEU B 85 1.70 10.72 20.47
CA LEU B 85 3.12 10.99 20.60
C LEU B 85 3.87 9.79 21.15
N LEU B 86 5.06 9.55 20.61
CA LEU B 86 6.00 8.58 21.14
C LEU B 86 7.16 9.31 21.77
N GLN B 87 7.71 8.75 22.85
CA GLN B 87 8.93 9.27 23.44
C GLN B 87 10.13 8.94 22.56
N GLY B 88 11.20 9.71 22.73
CA GLY B 88 12.44 9.47 22.02
C GLY B 88 12.57 10.31 20.78
N ASN B 89 13.66 10.03 20.03
CA ASN B 89 13.98 10.76 18.81
C ASN B 89 12.81 10.76 17.84
N GLU B 90 12.33 9.57 17.50
CA GLU B 90 11.35 9.39 16.45
C GLU B 90 9.99 9.34 17.15
N ASP B 91 9.36 10.52 17.24
CA ASP B 91 8.14 10.61 18.03
C ASP B 91 6.90 10.26 17.23
N TYR B 92 7.04 9.82 15.97
CA TYR B 92 5.92 9.85 15.05
C TYR B 92 5.32 8.47 14.79
N ILE B 93 3.99 8.41 14.93
CA ILE B 93 3.19 7.31 14.42
C ILE B 93 1.94 7.91 13.80
N ASN B 94 1.47 7.30 12.71
CA ASN B 94 0.24 7.73 12.07
C ASN B 94 -0.91 7.16 12.92
N ALA B 95 -1.32 7.93 13.93
CA ALA B 95 -2.33 7.52 14.90
C ALA B 95 -2.91 8.78 15.51
N SER B 96 -4.19 8.73 15.85
CA SER B 96 -4.89 9.91 16.33
C SER B 96 -5.76 9.54 17.52
N TYR B 97 -5.83 10.44 18.50
CA TYR B 97 -6.85 10.36 19.55
C TYR B 97 -8.19 10.82 19.00
N VAL B 98 -9.21 9.98 19.12
CA VAL B 98 -10.55 10.30 18.68
C VAL B 98 -11.46 10.00 19.84
N ASN B 99 -12.03 11.03 20.45
CA ASN B 99 -12.89 10.88 21.61
C ASN B 99 -14.29 11.36 21.24
N MET B 100 -15.28 10.50 21.44
CA MET B 100 -16.66 10.82 21.08
C MET B 100 -17.45 11.08 22.36
N GLU B 101 -17.88 12.33 22.53
CA GLU B 101 -18.59 12.75 23.72
C GLU B 101 -20.10 12.60 23.52
N ILE B 102 -20.77 12.12 24.54
CA ILE B 102 -22.23 12.20 24.55
C ILE B 102 -22.57 12.93 25.84
N PRO B 103 -22.57 14.27 25.82
CA PRO B 103 -22.76 15.02 27.07
C PRO B 103 -24.08 14.73 27.75
N ALA B 104 -25.08 14.43 26.99
CA ALA B 104 -26.34 14.12 27.61
C ALA B 104 -26.35 12.76 28.28
N ALA B 105 -25.20 12.11 28.30
CA ALA B 105 -25.02 10.83 28.97
C ALA B 105 -23.88 10.83 29.97
N ASN B 106 -23.16 11.95 30.15
CA ASN B 106 -21.95 11.99 30.96
C ASN B 106 -20.96 10.91 30.53
N LEU B 107 -20.72 10.83 29.22
CA LEU B 107 -20.03 9.70 28.63
C LEU B 107 -19.08 10.20 27.57
N VAL B 108 -17.85 9.66 27.57
CA VAL B 108 -16.91 9.86 26.47
C VAL B 108 -16.36 8.50 26.04
N ASN B 109 -16.56 8.14 24.78
CA ASN B 109 -15.99 6.92 24.24
C ASN B 109 -14.64 7.27 23.60
N LYS B 110 -13.58 6.70 24.14
CA LYS B 110 -12.23 6.99 23.70
C LYS B 110 -11.75 5.95 22.69
N TYR B 111 -11.06 6.45 21.67
CA TYR B 111 -10.43 5.63 20.66
C TYR B 111 -9.04 6.17 20.39
N ILE B 112 -8.20 5.28 19.88
CA ILE B 112 -7.03 5.64 19.10
C ILE B 112 -7.28 5.04 17.71
N ALA B 113 -7.35 5.91 16.71
CA ALA B 113 -7.60 5.51 15.32
C ALA B 113 -6.26 5.55 14.60
N THR B 114 -5.88 4.41 14.03
CA THR B 114 -4.56 4.34 13.41
C THR B 114 -4.65 3.50 12.15
N GLN B 115 -3.56 3.49 11.39
CA GLN B 115 -3.43 2.73 10.16
C GLN B 115 -2.97 1.31 10.49
N GLY B 116 -3.09 0.43 9.51
CA GLY B 116 -2.47 -0.87 9.60
C GLY B 116 -0.96 -0.73 9.56
N PRO B 117 -0.28 -1.23 10.59
CA PRO B 117 1.17 -1.04 10.67
C PRO B 117 1.91 -1.52 9.45
N LEU B 118 2.99 -0.82 9.16
CA LEU B 118 3.93 -1.21 8.12
C LEU B 118 5.03 -2.04 8.77
N PRO B 119 5.84 -2.77 7.99
CA PRO B 119 6.89 -3.57 8.64
C PRO B 119 7.73 -2.78 9.62
N HIS B 120 8.09 -1.55 9.26
CA HIS B 120 8.99 -0.74 10.06
C HIS B 120 8.27 0.14 11.06
N THR B 121 6.94 0.04 11.19
CA THR B 121 6.22 0.78 12.22
C THR B 121 5.57 -0.13 13.25
N CYS B 122 5.76 -1.45 13.12
CA CYS B 122 5.25 -2.37 14.12
C CYS B 122 5.76 -2.06 15.52
N ALA B 123 7.03 -1.69 15.64
CA ALA B 123 7.57 -1.36 16.96
C ALA B 123 6.87 -0.17 17.58
N GLN B 124 6.53 0.84 16.77
CA GLN B 124 5.83 2.02 17.28
C GLN B 124 4.39 1.69 17.65
N PHE B 125 3.76 0.81 16.86
CA PHE B 125 2.38 0.39 17.17
C PHE B 125 2.33 -0.27 18.54
N TRP B 126 3.22 -1.24 18.79
CA TRP B 126 3.22 -1.91 20.09
C TRP B 126 3.66 -0.97 21.21
N GLN B 127 4.51 0.03 20.92
CA GLN B 127 4.83 1.02 21.94
C GLN B 127 3.60 1.82 22.35
N VAL B 128 2.72 2.16 21.40
CA VAL B 128 1.49 2.84 21.79
C VAL B 128 0.63 1.94 22.68
N VAL B 129 0.50 0.67 22.30
CA VAL B 129 -0.28 -0.28 23.11
C VAL B 129 0.28 -0.36 24.52
N TRP B 130 1.60 -0.39 24.63
CA TRP B 130 2.23 -0.54 25.94
C TRP B 130 2.12 0.74 26.76
N ASP B 131 2.47 1.88 26.16
CA ASP B 131 2.40 3.17 26.85
C ASP B 131 1.07 3.35 27.56
N GLN B 132 -0.02 3.05 26.87
CA GLN B 132 -1.36 3.29 27.37
CA GLN B 132 -1.37 3.29 27.36
C GLN B 132 -2.00 2.07 27.99
N LYS B 133 -1.30 0.94 28.01
CA LYS B 133 -1.82 -0.34 28.50
C LYS B 133 -3.21 -0.60 27.90
N LEU B 134 -3.28 -0.47 26.57
CA LEU B 134 -4.53 -0.70 25.85
C LEU B 134 -4.91 -2.17 25.91
N SER B 135 -6.16 -2.46 26.28
CA SER B 135 -6.64 -3.82 26.46
CA SER B 135 -6.58 -3.84 26.43
C SER B 135 -7.38 -4.36 25.24
N LEU B 136 -7.72 -3.51 24.27
CA LEU B 136 -8.56 -3.93 23.15
C LEU B 136 -8.07 -3.29 21.87
N ILE B 137 -7.75 -4.13 20.89
CA ILE B 137 -7.42 -3.74 19.52
C ILE B 137 -8.50 -4.29 18.61
N VAL B 138 -9.07 -3.41 17.78
CA VAL B 138 -10.08 -3.77 16.79
C VAL B 138 -9.49 -3.51 15.43
N MET B 139 -9.25 -4.56 14.66
CA MET B 139 -8.71 -4.48 13.33
C MET B 139 -9.78 -4.82 12.31
N LEU B 140 -9.98 -3.94 11.34
CA LEU B 140 -11.13 -4.06 10.44
C LEU B 140 -10.75 -4.44 9.02
N THR B 141 -9.56 -4.98 8.84
CA THR B 141 -9.08 -5.35 7.51
C THR B 141 -8.48 -6.75 7.58
N THR B 142 -8.48 -7.43 6.43
CA THR B 142 -7.60 -8.56 6.22
C THR B 142 -6.19 -8.03 5.92
N LEU B 143 -5.21 -8.91 6.05
CA LEU B 143 -3.82 -8.53 5.77
C LEU B 143 -3.60 -8.19 4.31
N THR B 144 -4.20 -8.97 3.41
CA THR B 144 -4.16 -8.72 1.99
C THR B 144 -5.56 -8.80 1.44
N GLU B 145 -5.76 -8.15 0.31
CA GLU B 145 -7.04 -8.18 -0.39
C GLU B 145 -6.74 -8.24 -1.88
N ARG B 146 -7.15 -9.34 -2.53
CA ARG B 146 -6.91 -9.54 -3.96
C ARG B 146 -5.42 -9.41 -4.30
N GLY B 147 -4.58 -9.97 -3.44
CA GLY B 147 -3.15 -9.99 -3.66
C GLY B 147 -2.43 -8.74 -3.18
N ARG B 148 -3.15 -7.67 -2.89
CA ARG B 148 -2.56 -6.41 -2.47
C ARG B 148 -2.45 -6.32 -0.95
N THR B 149 -1.33 -5.78 -0.49
CA THR B 149 -1.07 -5.68 0.94
C THR B 149 -1.84 -4.52 1.55
N LYS B 150 -2.53 -4.83 2.67
CA LYS B 150 -3.31 -3.86 3.43
C LYS B 150 -2.78 -3.62 4.83
N CYS B 151 -2.09 -4.59 5.41
CA CYS B 151 -1.56 -4.49 6.75
C CYS B 151 -0.45 -5.50 6.88
N HIS B 152 0.61 -5.13 7.58
CA HIS B 152 1.63 -6.10 7.93
C HIS B 152 1.15 -6.92 9.13
N GLN B 153 1.50 -8.21 9.15
CA GLN B 153 1.11 -9.04 10.28
C GLN B 153 2.00 -8.73 11.47
N TYR B 154 1.49 -7.94 12.42
CA TYR B 154 2.27 -7.44 13.55
C TYR B 154 2.14 -8.30 14.80
N TRP B 155 1.52 -9.48 14.69
CA TRP B 155 1.37 -10.44 15.76
C TRP B 155 1.84 -11.79 15.26
N PRO B 156 2.31 -12.66 16.14
CA PRO B 156 2.80 -13.97 15.71
C PRO B 156 1.68 -14.99 15.61
N ASP B 157 1.78 -15.88 14.63
CA ASP B 157 0.91 -17.05 14.65
C ASP B 157 1.23 -17.86 15.92
N PRO B 158 0.21 -18.39 16.61
CA PRO B 158 0.56 -19.26 17.75
C PRO B 158 1.34 -20.53 17.31
N PRO B 159 2.22 -21.05 18.18
CA PRO B 159 2.66 -20.51 19.47
C PRO B 159 3.95 -19.69 19.32
N ASP B 160 4.23 -19.25 18.09
CA ASP B 160 5.47 -18.52 17.84
C ASP B 160 5.55 -17.26 18.70
N VAL B 161 6.75 -16.69 18.74
CA VAL B 161 7.03 -15.45 19.46
C VAL B 161 7.50 -14.40 18.45
N MET B 162 7.23 -13.15 18.78
CA MET B 162 7.58 -12.01 17.94
C MET B 162 8.18 -10.96 18.86
N ASN B 163 9.25 -10.33 18.39
CA ASN B 163 9.86 -9.20 19.10
CA ASN B 163 9.86 -9.21 19.10
C ASN B 163 9.68 -7.94 18.28
N HIS B 164 9.14 -6.90 18.91
CA HIS B 164 8.94 -5.61 18.28
C HIS B 164 9.31 -4.54 19.29
N GLY B 165 10.36 -3.79 18.98
CA GLY B 165 10.74 -2.64 19.78
C GLY B 165 10.99 -2.94 21.25
N GLY B 166 11.65 -4.06 21.52
CA GLY B 166 11.86 -4.42 22.92
C GLY B 166 10.63 -4.90 23.64
N PHE B 167 9.60 -5.33 22.92
CA PHE B 167 8.50 -6.09 23.49
C PHE B 167 8.48 -7.49 22.90
N HIS B 168 8.20 -8.44 23.76
CA HIS B 168 7.92 -9.81 23.35
CA HIS B 168 7.93 -9.82 23.38
C HIS B 168 6.41 -9.98 23.24
N ILE B 169 5.95 -10.49 22.11
CA ILE B 169 4.53 -10.68 21.86
C ILE B 169 4.28 -12.16 21.57
N GLN B 170 3.27 -12.72 22.24
CA GLN B 170 2.89 -14.11 22.07
C GLN B 170 1.37 -14.17 21.97
N CYS B 171 0.87 -14.92 21.00
CA CYS B 171 -0.56 -15.14 20.83
C CYS B 171 -0.96 -16.36 21.65
N GLN B 172 -1.79 -16.15 22.67
CA GLN B 172 -2.18 -17.25 23.57
C GLN B 172 -3.34 -18.06 23.03
N SER B 173 -4.13 -17.51 22.09
CA SER B 173 -5.27 -18.23 21.56
C SER B 173 -5.73 -17.52 20.31
N GLU B 174 -6.41 -18.27 19.45
CA GLU B 174 -6.86 -17.80 18.13
C GLU B 174 -8.14 -18.55 17.83
N ASP B 175 -9.26 -17.84 17.84
CA ASP B 175 -10.58 -18.43 17.65
C ASP B 175 -11.36 -17.67 16.59
N CYS B 176 -11.78 -18.37 15.55
CA CYS B 176 -12.43 -17.78 14.40
C CYS B 176 -13.95 -17.96 14.48
N THR B 177 -14.62 -16.95 14.00
CA THR B 177 -16.02 -17.00 13.64
C THR B 177 -16.16 -16.67 12.16
N ILE B 178 -17.40 -16.67 11.67
CA ILE B 178 -17.63 -16.50 10.25
C ILE B 178 -17.09 -15.16 9.76
N ALA B 179 -17.20 -14.11 10.58
CA ALA B 179 -16.87 -12.74 10.19
C ALA B 179 -15.67 -12.14 10.91
N TYR B 180 -15.19 -12.74 12.00
CA TYR B 180 -14.06 -12.16 12.70
C TYR B 180 -13.27 -13.20 13.48
N VAL B 181 -12.05 -12.81 13.85
CA VAL B 181 -11.12 -13.65 14.59
C VAL B 181 -10.85 -12.96 15.93
N SER B 182 -10.85 -13.73 17.01
CA SER B 182 -10.52 -13.23 18.35
C SER B 182 -9.20 -13.85 18.77
N ARG B 183 -8.24 -13.02 19.15
CA ARG B 183 -6.93 -13.49 19.61
C ARG B 183 -6.58 -12.89 20.96
N GLU B 184 -6.05 -13.72 21.87
CA GLU B 184 -5.52 -13.23 23.15
C GLU B 184 -4.01 -13.08 22.97
N MET B 185 -3.50 -11.87 23.20
CA MET B 185 -2.08 -11.59 23.04
CA MET B 185 -2.09 -11.51 23.02
C MET B 185 -1.46 -11.18 24.37
N LEU B 186 -0.26 -11.72 24.63
CA LEU B 186 0.52 -11.41 25.81
C LEU B 186 1.71 -10.56 25.36
N VAL B 187 1.84 -9.37 25.96
CA VAL B 187 2.90 -8.42 25.63
C VAL B 187 3.80 -8.31 26.84
N THR B 188 5.09 -8.59 26.65
CA THR B 188 6.06 -8.59 27.74
C THR B 188 7.13 -7.55 27.46
N ASN B 189 7.33 -6.64 28.42
CA ASN B 189 8.46 -5.71 28.37
C ASN B 189 9.72 -6.53 28.61
N THR B 190 10.58 -6.61 27.60
CA THR B 190 11.75 -7.49 27.72
C THR B 190 12.73 -6.97 28.77
N GLN B 191 12.79 -5.65 28.97
CA GLN B 191 13.67 -5.10 30.00
C GLN B 191 13.24 -5.55 31.39
N THR B 192 11.94 -5.48 31.69
CA THR B 192 11.45 -5.64 33.06
C THR B 192 10.76 -6.97 33.36
N GLY B 193 10.28 -7.68 32.35
CA GLY B 193 9.45 -8.85 32.59
C GLY B 193 8.00 -8.53 32.90
N GLU B 194 7.64 -7.24 32.98
CA GLU B 194 6.26 -6.85 33.14
C GLU B 194 5.43 -7.34 31.95
N GLU B 195 4.23 -7.87 32.26
CA GLU B 195 3.31 -8.40 31.28
C GLU B 195 2.02 -7.58 31.19
N HIS B 196 1.47 -7.53 29.98
CA HIS B 196 0.20 -6.88 29.71
C HIS B 196 -0.52 -7.73 28.68
N THR B 197 -1.81 -7.98 28.90
CA THR B 197 -2.59 -8.78 27.96
CA THR B 197 -2.64 -8.79 28.01
C THR B 197 -3.52 -7.87 27.17
N VAL B 198 -3.64 -8.17 25.89
CA VAL B 198 -4.49 -7.39 25.01
CA VAL B 198 -4.41 -7.39 24.93
C VAL B 198 -5.37 -8.34 24.23
N THR B 199 -6.65 -7.98 24.15
CA THR B 199 -7.60 -8.72 23.31
C THR B 199 -7.58 -8.10 21.91
N HIS B 200 -7.47 -8.94 20.89
CA HIS B 200 -7.33 -8.49 19.50
C HIS B 200 -8.48 -9.09 18.72
N LEU B 201 -9.30 -8.23 18.11
CA LEU B 201 -10.42 -8.66 17.29
C LEU B 201 -10.16 -8.24 15.86
N GLN B 202 -10.22 -9.17 14.92
CA GLN B 202 -9.99 -8.90 13.51
C GLN B 202 -11.25 -9.22 12.71
N TYR B 203 -11.87 -8.19 12.14
CA TYR B 203 -13.06 -8.37 11.30
C TYR B 203 -12.57 -8.60 9.87
N VAL B 204 -12.88 -9.77 9.31
CA VAL B 204 -12.31 -10.22 8.04
C VAL B 204 -13.30 -10.14 6.88
N ALA B 205 -14.56 -9.76 7.15
CA ALA B 205 -15.61 -9.79 6.14
C ALA B 205 -16.09 -8.38 5.79
N TRP B 206 -15.15 -7.49 5.51
CA TRP B 206 -15.45 -6.09 5.24
C TRP B 206 -14.37 -5.54 4.34
N PRO B 207 -14.63 -5.47 3.04
CA PRO B 207 -13.58 -5.05 2.10
C PRO B 207 -13.28 -3.57 2.12
N ASP B 208 -12.03 -3.24 1.77
CA ASP B 208 -11.59 -1.85 1.76
C ASP B 208 -12.51 -1.01 0.87
N HIS B 209 -12.81 0.20 1.34
CA HIS B 209 -13.65 1.16 0.63
C HIS B 209 -15.06 0.66 0.46
N GLY B 210 -15.47 -0.36 1.21
CA GLY B 210 -16.76 -0.97 1.04
C GLY B 210 -17.55 -1.04 2.33
N VAL B 211 -18.62 -1.83 2.30
CA VAL B 211 -19.50 -2.03 3.45
C VAL B 211 -19.35 -3.47 3.93
N PRO B 212 -19.78 -3.79 5.16
CA PRO B 212 -19.69 -5.16 5.62
C PRO B 212 -20.45 -6.12 4.70
N ASP B 213 -19.86 -7.29 4.46
CA ASP B 213 -20.51 -8.30 3.64
C ASP B 213 -21.87 -8.70 4.22
N ASP B 214 -22.01 -8.63 5.54
CA ASP B 214 -23.27 -8.98 6.19
C ASP B 214 -23.55 -8.00 7.32
N SER B 215 -24.64 -7.25 7.18
CA SER B 215 -24.99 -6.22 8.17
C SER B 215 -25.25 -6.81 9.56
N SER B 216 -25.89 -7.98 9.65
CA SER B 216 -26.13 -8.58 10.96
C SER B 216 -24.84 -9.01 11.63
N ASP B 217 -23.90 -9.57 10.87
CA ASP B 217 -22.60 -9.90 11.44
C ASP B 217 -21.89 -8.65 11.94
N PHE B 218 -21.99 -7.55 11.19
CA PHE B 218 -21.40 -6.30 11.61
C PHE B 218 -21.99 -5.82 12.92
N LEU B 219 -23.33 -5.84 13.03
CA LEU B 219 -23.97 -5.32 14.23
C LEU B 219 -23.61 -6.19 15.44
N GLU B 220 -23.57 -7.51 15.26
CA GLU B 220 -23.16 -8.38 16.35
C GLU B 220 -21.74 -8.06 16.79
N PHE B 221 -20.86 -7.78 15.81
CA PHE B 221 -19.47 -7.45 16.15
C PHE B 221 -19.39 -6.16 16.92
N VAL B 222 -20.14 -5.13 16.49
CA VAL B 222 -20.08 -3.87 17.22
C VAL B 222 -20.59 -4.07 18.64
N ASN B 223 -21.65 -4.86 18.81
CA ASN B 223 -22.11 -5.17 20.17
CA ASN B 223 -22.13 -5.22 20.16
C ASN B 223 -21.02 -5.85 20.96
N TYR B 224 -20.27 -6.77 20.33
CA TYR B 224 -19.20 -7.45 21.03
C TYR B 224 -18.12 -6.48 21.47
N VAL B 225 -17.72 -5.56 20.59
CA VAL B 225 -16.77 -4.51 20.96
C VAL B 225 -17.28 -3.71 22.16
N ARG B 226 -18.55 -3.31 22.13
CA ARG B 226 -19.11 -2.53 23.23
C ARG B 226 -19.06 -3.31 24.53
N SER B 227 -19.25 -4.62 24.43
CA SER B 227 -19.24 -5.48 25.63
C SER B 227 -17.87 -5.53 26.26
N LEU B 228 -16.80 -5.26 25.49
CA LEU B 228 -15.45 -5.30 26.01
C LEU B 228 -14.90 -3.94 26.40
N ARG B 229 -15.53 -2.84 25.98
CA ARG B 229 -15.02 -1.52 26.30
C ARG B 229 -14.97 -1.32 27.81
N VAL B 230 -13.87 -0.74 28.25
CA VAL B 230 -13.69 -0.31 29.63
C VAL B 230 -13.80 1.21 29.63
N ASP B 231 -14.74 1.76 30.38
CA ASP B 231 -14.85 3.22 30.40
C ASP B 231 -13.52 3.77 30.87
N SER B 232 -13.15 4.96 30.39
CA SER B 232 -11.88 5.57 30.76
C SER B 232 -10.73 5.08 29.89
N GLU B 233 -10.90 3.97 29.16
CA GLU B 233 -9.80 3.37 28.43
C GLU B 233 -10.04 3.49 26.93
N PRO B 234 -9.08 3.96 26.14
CA PRO B 234 -9.30 3.97 24.68
C PRO B 234 -9.25 2.57 24.07
N VAL B 235 -10.08 2.37 23.04
CA VAL B 235 -10.02 1.21 22.17
C VAL B 235 -9.17 1.60 20.94
N LEU B 236 -8.18 0.80 20.61
CA LEU B 236 -7.42 1.05 19.41
C LEU B 236 -8.18 0.46 18.23
N VAL B 237 -8.49 1.28 17.23
CA VAL B 237 -9.16 0.77 16.05
C VAL B 237 -8.32 1.09 14.82
N HIS B 238 -8.21 0.13 13.92
CA HIS B 238 -7.49 0.38 12.68
C HIS B 238 -8.05 -0.50 11.57
N CYS B 239 -7.91 0.01 10.35
CA CYS B 239 -8.14 -0.79 9.16
C CYS B 239 -6.82 -0.76 8.39
N SER B 240 -6.83 -0.42 7.12
CA SER B 240 -5.57 -0.24 6.39
C SER B 240 -5.07 1.20 6.51
N ALA B 241 -5.87 2.18 6.07
CA ALA B 241 -5.52 3.59 6.24
C ALA B 241 -5.99 4.19 7.57
N GLY B 242 -6.94 3.56 8.24
CA GLY B 242 -7.41 4.05 9.53
C GLY B 242 -8.46 5.13 9.48
N ILE B 243 -9.23 5.25 8.40
CA ILE B 243 -10.28 6.28 8.31
C ILE B 243 -11.65 5.76 7.89
N GLY B 244 -11.74 4.82 6.95
CA GLY B 244 -13.03 4.49 6.38
C GLY B 244 -13.84 3.54 7.22
N ARG B 245 -13.44 2.27 7.21
CA ARG B 245 -14.09 1.28 8.07
C ARG B 245 -14.00 1.71 9.52
N THR B 246 -12.85 2.26 9.93
CA THR B 246 -12.70 2.77 11.29
C THR B 246 -13.78 3.79 11.61
N GLY B 247 -14.00 4.73 10.69
CA GLY B 247 -15.01 5.75 10.90
C GLY B 247 -16.42 5.18 10.98
N VAL B 248 -16.71 4.18 10.16
CA VAL B 248 -18.04 3.54 10.21
C VAL B 248 -18.26 2.91 11.58
N LEU B 249 -17.25 2.19 12.08
CA LEU B 249 -17.39 1.54 13.39
C LEU B 249 -17.61 2.56 14.49
N VAL B 250 -16.84 3.66 14.48
CA VAL B 250 -16.99 4.69 15.51
C VAL B 250 -18.37 5.32 15.44
N THR B 251 -18.86 5.60 14.24
CA THR B 251 -20.19 6.17 14.07
C THR B 251 -21.23 5.23 14.66
N MET B 252 -21.12 3.93 14.35
CA MET B 252 -22.12 2.97 14.80
C MET B 252 -22.12 2.85 16.31
N GLU B 253 -20.95 2.72 16.93
CA GLU B 253 -20.91 2.62 18.39
C GLU B 253 -21.53 3.85 19.03
N THR B 254 -21.20 5.03 18.52
CA THR B 254 -21.77 6.27 19.03
C THR B 254 -23.29 6.22 18.95
N ALA B 255 -23.82 5.87 17.79
CA ALA B 255 -25.27 5.79 17.63
C ALA B 255 -25.91 4.78 18.56
N MET B 256 -25.27 3.65 18.81
CA MET B 256 -25.87 2.66 19.70
C MET B 256 -25.98 3.22 21.11
N CYS B 257 -24.97 3.97 21.56
CA CYS B 257 -25.04 4.58 22.88
C CYS B 257 -26.17 5.58 22.98
N LEU B 258 -26.41 6.33 21.89
CA LEU B 258 -27.48 7.31 21.87
C LEU B 258 -28.85 6.64 21.85
N THR B 259 -29.05 5.61 21.02
CA THR B 259 -30.40 5.06 20.89
CA THR B 259 -30.38 4.98 20.88
C THR B 259 -30.85 4.42 22.20
N GLU B 260 -29.96 3.74 22.93
CA GLU B 260 -30.37 3.06 24.15
C GLU B 260 -30.65 4.05 25.28
N ARG B 261 -30.28 5.32 25.11
CA ARG B 261 -30.53 6.41 26.04
C ARG B 261 -31.64 7.34 25.55
N ASN B 262 -32.30 6.99 24.45
CA ASN B 262 -33.38 7.83 23.91
C ASN B 262 -32.90 9.24 23.64
N LEU B 263 -31.70 9.36 23.04
CA LEU B 263 -31.12 10.63 22.68
C LEU B 263 -31.10 10.78 21.17
N PRO B 264 -31.34 11.99 20.65
CA PRO B 264 -31.34 12.18 19.19
C PRO B 264 -30.00 11.87 18.55
N ILE B 265 -30.05 11.34 17.32
CA ILE B 265 -28.88 10.94 16.54
C ILE B 265 -28.85 11.74 15.25
N TYR B 266 -27.78 12.50 15.03
CA TYR B 266 -27.52 13.24 13.81
C TYR B 266 -26.21 12.72 13.23
N PRO B 267 -26.27 11.74 12.32
CA PRO B 267 -25.02 11.14 11.84
C PRO B 267 -24.05 12.14 11.24
N LEU B 268 -24.53 13.23 10.62
CA LEU B 268 -23.62 14.19 10.02
C LEU B 268 -22.73 14.84 11.06
N ASP B 269 -23.29 15.16 12.24
CA ASP B 269 -22.50 15.78 13.29
C ASP B 269 -21.56 14.77 13.96
N ILE B 270 -21.96 13.50 14.05
CA ILE B 270 -21.05 12.48 14.52
C ILE B 270 -19.83 12.39 13.62
N VAL B 271 -20.03 12.38 12.30
CA VAL B 271 -18.90 12.33 11.38
C VAL B 271 -18.04 13.58 11.48
N ARG B 272 -18.67 14.77 11.56
CA ARG B 272 -17.90 16.00 11.71
CA ARG B 272 -17.91 16.01 11.71
C ARG B 272 -17.05 15.98 12.98
N LYS B 273 -17.62 15.54 14.11
CA LYS B 273 -16.86 15.50 15.33
C LYS B 273 -15.69 14.53 15.26
N MET B 274 -15.85 13.39 14.56
CA MET B 274 -14.72 12.50 14.30
C MET B 274 -13.67 13.20 13.44
N ARG B 275 -14.11 13.84 12.37
CA ARG B 275 -13.21 14.43 11.38
C ARG B 275 -12.46 15.63 11.96
N ASP B 276 -12.98 16.25 13.02
CA ASP B 276 -12.22 17.28 13.71
C ASP B 276 -11.05 16.68 14.50
N GLN B 277 -10.97 15.36 14.61
CA GLN B 277 -9.92 14.70 15.36
C GLN B 277 -9.02 13.83 14.48
N ARG B 278 -9.57 13.29 13.40
CA ARG B 278 -8.78 12.59 12.38
C ARG B 278 -9.49 12.80 11.05
N ALA B 279 -8.81 13.42 10.09
CA ALA B 279 -9.44 13.76 8.83
C ALA B 279 -9.95 12.53 8.11
N MET B 280 -11.00 12.74 7.32
CA MET B 280 -11.51 11.84 6.28
C MET B 280 -12.26 10.63 6.83
N MET B 281 -12.50 10.55 8.13
CA MET B 281 -13.18 9.36 8.64
CA MET B 281 -13.24 9.41 8.71
C MET B 281 -14.57 9.21 8.01
N VAL B 282 -14.88 7.96 7.66
CA VAL B 282 -15.99 7.55 6.79
C VAL B 282 -15.63 8.03 5.38
N GLN B 283 -15.11 7.11 4.60
CA GLN B 283 -14.45 7.50 3.35
C GLN B 283 -15.42 7.69 2.19
N THR B 284 -16.42 6.83 2.06
CA THR B 284 -17.28 6.85 0.88
C THR B 284 -18.72 7.17 1.23
N SER B 285 -19.41 7.72 0.23
CA SER B 285 -20.84 7.99 0.35
CA SER B 285 -20.82 7.99 0.38
C SER B 285 -21.62 6.72 0.62
N SER B 286 -21.21 5.61 0.02
CA SER B 286 -21.88 4.33 0.23
CA SER B 286 -21.93 4.37 0.25
C SER B 286 -21.69 3.84 1.66
N GLN B 287 -20.49 4.07 2.24
CA GLN B 287 -20.26 3.76 3.65
C GLN B 287 -21.17 4.58 4.55
N TYR B 288 -21.32 5.87 4.26
CA TYR B 288 -22.20 6.70 5.09
C TYR B 288 -23.64 6.25 4.95
N LYS B 289 -24.09 5.95 3.72
CA LYS B 289 -25.43 5.43 3.55
C LYS B 289 -25.63 4.16 4.37
N PHE B 290 -24.66 3.25 4.30
CA PHE B 290 -24.75 2.00 5.03
C PHE B 290 -24.92 2.24 6.52
N VAL B 291 -24.09 3.12 7.09
CA VAL B 291 -24.16 3.26 8.54
C VAL B 291 -25.45 3.98 8.94
N CYS B 292 -25.93 4.92 8.12
CA CYS B 292 -27.22 5.55 8.38
C CYS B 292 -28.36 4.53 8.39
N GLU B 293 -28.39 3.63 7.39
CA GLU B 293 -29.38 2.56 7.36
C GLU B 293 -29.25 1.63 8.55
N ALA B 294 -28.02 1.31 8.95
CA ALA B 294 -27.78 0.46 10.12
C ALA B 294 -28.28 1.13 11.39
N ILE B 295 -28.11 2.45 11.50
CA ILE B 295 -28.64 3.17 12.65
C ILE B 295 -30.15 3.05 12.71
N LEU B 296 -30.83 3.22 11.58
CA LEU B 296 -32.29 3.07 11.58
C LEU B 296 -32.70 1.67 12.01
N ARG B 297 -31.96 0.65 11.54
CA ARG B 297 -32.26 -0.72 11.92
C ARG B 297 -32.12 -0.92 13.43
N VAL B 298 -31.04 -0.43 14.03
CA VAL B 298 -30.91 -0.69 15.46
CA VAL B 298 -30.84 -0.60 15.46
C VAL B 298 -31.93 0.13 16.24
N TYR B 299 -32.29 1.32 15.77
CA TYR B 299 -33.37 2.07 16.40
C TYR B 299 -34.66 1.27 16.36
N GLU B 300 -35.02 0.75 15.19
CA GLU B 300 -36.29 0.04 15.09
C GLU B 300 -36.29 -1.22 15.93
N GLU B 301 -35.15 -1.92 15.94
CA GLU B 301 -35.06 -3.12 16.76
C GLU B 301 -35.18 -2.79 18.23
N GLY B 302 -34.67 -1.63 18.66
CA GLY B 302 -34.88 -1.21 20.04
C GLY B 302 -36.32 -0.92 20.39
N LEU B 303 -37.10 -0.42 19.43
CA LEU B 303 -38.52 -0.13 19.67
C LEU B 303 -39.30 -1.40 19.95
N VAL B 304 -38.90 -2.52 19.34
CA VAL B 304 -39.61 -3.77 19.55
C VAL B 304 -39.42 -4.25 20.98
N GLN B 305 -38.23 -4.06 21.52
CA GLN B 305 -37.98 -4.32 22.92
C GLN B 305 -38.54 -3.17 23.78
#